data_3ZDR
#
_entry.id   3ZDR
#
_cell.length_a   73.721
_cell.length_b   96.588
_cell.length_c   58.200
_cell.angle_alpha   90.00
_cell.angle_beta   90.00
_cell.angle_gamma   90.00
#
_symmetry.space_group_name_H-M   'P 21 21 2'
#
loop_
_entity.id
_entity.type
_entity.pdbx_description
1 polymer 'ALCOHOL DEHYDROGENASE DOMAIN OF THE BIFUNCTIONAL ACETALDEHYDE DEHYDROGENASE'
2 non-polymer 'ZINC ION'
3 non-polymer 'SULFATE ION'
4 non-polymer GLYCEROL
5 water water
#
_entity_poly.entity_id   1
_entity_poly.type   'polypeptide(L)'
_entity_poly.pdbx_seq_one_letter_code
;MGSSHHHHHHSSGLVPRGSHMMNMQWFKVPPKIYFEKNAVQYLAKMPDISRAFIVTDPGMVKLGYVDKVLYYLRRRPDYV
HSEIFSEVEPDPSIETVMKGVDMMRSFEPDVIIALGGGSPMDAAKAMWLFYEHPTADFNALKQKFLDIRKRVYKYPKLGQ
KAKFVAIPTTSGTGSEVTSFAVITDKKTNIKYPLADYELTPDVAIVDPQFVMTVPKHVTADTGMDVLTHAIEAYVSNMAN
DYTDGLAMKAIQLVFEYLPRAYQNGADELAREKMHNASTIAGMAFANAFLGINHSLAHKLGAEFHIPHGRANTILMPHVI
RYNAAKPKKFTAFPKYEYFKADQRYAEIARMLGLPARTTEEGVESLVQAIIKLAKQLDMPLSIEACGVSKQEFESKVEKL
AELAFEDQ(CSO)TTANPKLPLVSDLVHIYRQAFKGV
;
_entity_poly.pdbx_strand_id   A
#
# COMPACT_ATOMS: atom_id res chain seq x y z
N ASN A 23 -3.56 20.80 -16.30
CA ASN A 23 -2.12 20.68 -16.49
C ASN A 23 -1.37 20.90 -15.17
N MET A 24 -2.12 21.21 -14.12
CA MET A 24 -1.55 21.39 -12.79
C MET A 24 -1.42 20.04 -12.08
N GLN A 25 -0.68 20.02 -10.99
CA GLN A 25 -0.49 18.81 -10.19
C GLN A 25 -0.87 19.11 -8.74
N TRP A 26 -1.17 18.07 -7.98
CA TRP A 26 -1.52 18.21 -6.58
C TRP A 26 -0.83 17.18 -5.69
N PHE A 27 -0.64 17.54 -4.42
CA PHE A 27 -0.04 16.67 -3.43
C PHE A 27 -0.92 16.71 -2.19
N LYS A 28 -1.40 15.54 -1.77
CA LYS A 28 -2.33 15.46 -0.67
C LYS A 28 -1.97 14.34 0.30
N VAL A 29 -2.01 14.64 1.59
CA VAL A 29 -1.76 13.66 2.64
C VAL A 29 -2.64 14.00 3.84
N PRO A 30 -2.74 13.07 4.80
CA PRO A 30 -3.48 13.37 6.02
C PRO A 30 -2.90 14.59 6.73
N PRO A 31 -3.75 15.53 7.16
CA PRO A 31 -3.25 16.78 7.76
C PRO A 31 -2.45 16.57 9.05
N LYS A 32 -2.60 15.41 9.67
CA LYS A 32 -1.88 15.11 10.91
C LYS A 32 -1.40 13.67 10.94
N ILE A 33 -0.09 13.51 11.05
CA ILE A 33 0.52 12.19 11.20
C ILE A 33 1.29 12.14 12.50
N TYR A 34 0.84 11.29 13.42
CA TYR A 34 1.52 11.09 14.69
C TYR A 34 2.34 9.81 14.64
N PHE A 35 3.57 9.86 15.15
CA PHE A 35 4.47 8.72 15.07
C PHE A 35 5.44 8.62 16.24
N GLU A 36 6.37 7.66 16.16
CA GLU A 36 7.21 7.22 17.27
C GLU A 36 6.38 6.38 18.24
N LYS A 37 7.07 5.67 19.13
CA LYS A 37 6.41 4.75 20.06
C LYS A 37 5.35 5.47 20.89
N ASN A 38 4.26 4.76 21.18
CA ASN A 38 3.14 5.31 21.93
C ASN A 38 2.52 6.55 21.28
N ALA A 39 2.53 6.60 19.96
CA ALA A 39 1.84 7.66 19.24
C ALA A 39 0.33 7.48 19.39
N VAL A 40 -0.09 6.27 19.75
CA VAL A 40 -1.50 5.96 19.93
C VAL A 40 -2.12 6.75 21.09
N GLN A 41 -1.26 7.27 21.97
CA GLN A 41 -1.73 8.02 23.13
C GLN A 41 -2.42 9.32 22.73
N TYR A 42 -2.32 9.69 21.45
CA TYR A 42 -3.00 10.89 20.96
C TYR A 42 -4.51 10.77 21.09
N LEU A 43 -5.01 9.53 21.13
CA LEU A 43 -6.44 9.29 21.25
C LEU A 43 -6.99 9.77 22.58
N ALA A 44 -6.11 9.94 23.57
CA ALA A 44 -6.50 10.51 24.84
C ALA A 44 -6.57 12.04 24.75
N LYS A 45 -5.93 12.61 23.72
CA LYS A 45 -5.84 14.05 23.55
C LYS A 45 -6.70 14.56 22.40
N MET A 46 -7.07 13.68 21.48
CA MET A 46 -7.76 14.08 20.26
C MET A 46 -9.08 14.79 20.58
N PRO A 47 -9.26 16.01 20.06
CA PRO A 47 -10.42 16.81 20.46
C PRO A 47 -11.73 16.36 19.81
N ASP A 48 -12.81 16.47 20.58
CA ASP A 48 -14.15 16.35 20.03
C ASP A 48 -14.48 14.95 19.53
N ILE A 49 -14.31 13.96 20.41
CA ILE A 49 -14.71 12.58 20.11
C ILE A 49 -15.34 11.92 21.33
N SER A 50 -16.58 11.45 21.17
CA SER A 50 -17.35 10.87 22.26
C SER A 50 -17.85 9.47 21.93
N ARG A 51 -17.89 9.15 20.64
CA ARG A 51 -18.41 7.87 20.17
C ARG A 51 -17.48 7.32 19.10
N ALA A 52 -16.76 6.25 19.43
CA ALA A 52 -15.77 5.68 18.54
C ALA A 52 -16.24 4.36 17.93
N PHE A 53 -16.09 4.25 16.61
CA PHE A 53 -16.38 3.01 15.90
C PHE A 53 -15.07 2.42 15.41
N ILE A 54 -14.67 1.30 16.01
CA ILE A 54 -13.39 0.68 15.72
C ILE A 54 -13.54 -0.45 14.71
N VAL A 55 -12.84 -0.32 13.59
CA VAL A 55 -12.87 -1.31 12.52
C VAL A 55 -11.53 -2.03 12.46
N THR A 56 -11.55 -3.35 12.66
CA THR A 56 -10.33 -4.13 12.71
C THR A 56 -10.60 -5.60 12.35
N ASP A 57 -9.67 -6.48 12.71
CA ASP A 57 -9.85 -7.92 12.48
C ASP A 57 -9.48 -8.73 13.75
N PRO A 58 -9.85 -10.02 13.78
CA PRO A 58 -9.63 -10.83 14.98
C PRO A 58 -8.18 -10.85 15.47
N GLY A 59 -7.24 -10.65 14.55
CA GLY A 59 -5.82 -10.66 14.90
C GLY A 59 -5.46 -9.55 15.88
N MET A 60 -5.94 -8.35 15.60
CA MET A 60 -5.62 -7.20 16.45
C MET A 60 -6.29 -7.32 17.81
N VAL A 61 -7.47 -7.93 17.84
CA VAL A 61 -8.16 -8.19 19.09
C VAL A 61 -7.36 -9.20 19.92
N LYS A 62 -6.85 -10.23 19.24
CA LYS A 62 -6.08 -11.29 19.89
C LYS A 62 -4.84 -10.73 20.58
N LEU A 63 -4.15 -9.80 19.93
CA LEU A 63 -2.90 -9.24 20.46
C LEU A 63 -3.14 -8.13 21.47
N GLY A 64 -4.41 -7.85 21.77
CA GLY A 64 -4.74 -6.81 22.72
C GLY A 64 -4.47 -5.41 22.19
N TYR A 65 -4.35 -5.29 20.87
CA TYR A 65 -4.12 -3.99 20.25
C TYR A 65 -5.36 -3.12 20.34
N VAL A 66 -6.54 -3.74 20.23
CA VAL A 66 -7.78 -3.02 20.41
C VAL A 66 -7.90 -2.55 21.86
N ASP A 67 -7.46 -3.38 22.79
CA ASP A 67 -7.44 -3.02 24.20
C ASP A 67 -6.54 -1.80 24.40
N LYS A 68 -5.47 -1.73 23.63
CA LYS A 68 -4.52 -0.63 23.73
C LYS A 68 -5.19 0.67 23.29
N VAL A 69 -5.95 0.60 22.20
CA VAL A 69 -6.70 1.75 21.70
C VAL A 69 -7.77 2.19 22.68
N LEU A 70 -8.52 1.22 23.22
CA LEU A 70 -9.61 1.53 24.13
C LEU A 70 -9.08 2.08 25.46
N TYR A 71 -7.85 1.71 25.81
CA TYR A 71 -7.24 2.16 27.05
C TYR A 71 -7.09 3.68 27.09
N TYR A 72 -6.66 4.25 25.97
CA TYR A 72 -6.42 5.69 25.90
C TYR A 72 -7.69 6.49 25.68
N LEU A 73 -8.73 5.84 25.17
CA LEU A 73 -10.03 6.50 25.04
C LEU A 73 -10.69 6.62 26.41
N ARG A 74 -10.45 5.63 27.27
CA ARG A 74 -10.95 5.65 28.64
C ARG A 74 -10.30 6.76 29.44
N ARG A 75 -9.03 7.03 29.14
CA ARG A 75 -8.27 8.04 29.89
C ARG A 75 -8.68 9.46 29.52
N ARG A 76 -9.64 9.59 28.60
CA ARG A 76 -10.17 10.91 28.28
C ARG A 76 -11.03 11.42 29.44
N PRO A 77 -11.06 12.74 29.66
CA PRO A 77 -11.85 13.27 30.78
C PRO A 77 -13.33 12.92 30.65
N ASP A 78 -13.83 12.97 29.42
CA ASP A 78 -15.23 12.65 29.13
C ASP A 78 -15.41 11.22 28.65
N TYR A 79 -16.53 10.62 29.08
CA TYR A 79 -16.90 9.24 28.78
C TYR A 79 -16.93 9.00 27.28
N VAL A 80 -16.45 7.83 26.86
CA VAL A 80 -16.44 7.45 25.44
C VAL A 80 -17.10 6.10 25.24
N HIS A 81 -18.24 6.09 24.55
CA HIS A 81 -18.87 4.85 24.14
C HIS A 81 -18.17 4.33 22.89
N SER A 82 -17.83 3.05 22.91
CA SER A 82 -17.10 2.44 21.80
C SER A 82 -17.81 1.21 21.26
N GLU A 83 -17.84 1.08 19.94
CA GLU A 83 -18.31 -0.13 19.28
C GLU A 83 -17.18 -0.72 18.43
N ILE A 84 -17.09 -2.05 18.42
CA ILE A 84 -16.04 -2.77 17.72
C ILE A 84 -16.62 -3.58 16.56
N PHE A 85 -15.95 -3.51 15.41
CA PHE A 85 -16.32 -4.28 14.23
C PHE A 85 -15.11 -5.08 13.78
N SER A 86 -15.07 -6.36 14.16
CA SER A 86 -13.90 -7.21 13.92
C SER A 86 -14.11 -8.20 12.78
N GLU A 87 -15.36 -8.40 12.36
CA GLU A 87 -15.63 -9.35 11.30
C GLU A 87 -15.23 -8.81 9.92
N VAL A 88 -13.94 -8.54 9.75
CA VAL A 88 -13.40 -8.10 8.47
C VAL A 88 -12.48 -9.18 7.92
N GLU A 89 -12.71 -9.56 6.67
CA GLU A 89 -11.91 -10.59 6.02
C GLU A 89 -10.92 -9.96 5.03
N PRO A 90 -9.86 -10.70 4.66
CA PRO A 90 -8.96 -10.22 3.62
C PRO A 90 -9.73 -9.94 2.33
N ASP A 91 -9.39 -8.85 1.64
CA ASP A 91 -10.17 -8.41 0.48
C ASP A 91 -11.63 -8.22 0.88
N PRO A 92 -11.94 -7.11 1.59
CA PRO A 92 -13.28 -6.87 2.12
C PRO A 92 -14.35 -6.75 1.03
N SER A 93 -15.52 -7.32 1.29
CA SER A 93 -16.61 -7.31 0.32
C SER A 93 -17.59 -6.18 0.62
N ILE A 94 -18.51 -5.93 -0.31
CA ILE A 94 -19.50 -4.88 -0.14
C ILE A 94 -20.45 -5.26 0.98
N GLU A 95 -20.70 -6.56 1.10
CA GLU A 95 -21.57 -7.08 2.14
C GLU A 95 -21.02 -6.69 3.50
N THR A 96 -19.70 -6.81 3.65
CA THR A 96 -19.04 -6.41 4.89
C THR A 96 -19.21 -4.91 5.14
N VAL A 97 -19.06 -4.13 4.07
CA VAL A 97 -19.17 -2.68 4.17
C VAL A 97 -20.55 -2.26 4.64
N MET A 98 -21.59 -2.70 3.91
CA MET A 98 -22.95 -2.29 4.21
C MET A 98 -23.39 -2.77 5.61
N LYS A 99 -22.77 -3.85 6.06
CA LYS A 99 -23.04 -4.36 7.40
C LYS A 99 -22.49 -3.38 8.43
N GLY A 100 -21.29 -2.88 8.17
CA GLY A 100 -20.66 -1.89 9.05
C GLY A 100 -21.42 -0.57 9.03
N VAL A 101 -21.84 -0.14 7.85
CA VAL A 101 -22.60 1.09 7.72
C VAL A 101 -23.88 1.06 8.56
N ASP A 102 -24.56 -0.08 8.53
CA ASP A 102 -25.80 -0.24 9.29
C ASP A 102 -25.57 -0.03 10.79
N MET A 103 -24.48 -0.57 11.30
CA MET A 103 -24.12 -0.39 12.71
C MET A 103 -23.76 1.07 12.99
N MET A 104 -23.07 1.70 12.04
CA MET A 104 -22.66 3.09 12.19
C MET A 104 -23.88 4.02 12.25
N ARG A 105 -24.86 3.75 11.39
CA ARG A 105 -26.03 4.60 11.30
C ARG A 105 -26.88 4.55 12.58
N SER A 106 -26.82 3.42 13.27
CA SER A 106 -27.52 3.28 14.55
C SER A 106 -26.66 3.81 15.70
N PHE A 107 -25.35 3.62 15.59
CA PHE A 107 -24.43 4.03 16.65
C PHE A 107 -24.07 5.51 16.54
N GLU A 108 -23.94 6.00 15.30
CA GLU A 108 -23.55 7.38 15.04
C GLU A 108 -22.25 7.77 15.75
N PRO A 109 -21.11 7.30 15.22
CA PRO A 109 -19.81 7.67 15.79
C PRO A 109 -19.37 9.04 15.29
N ASP A 110 -18.60 9.76 16.11
CA ASP A 110 -17.96 11.00 15.68
C ASP A 110 -16.49 10.77 15.39
N VAL A 111 -16.06 9.52 15.50
CA VAL A 111 -14.73 9.12 15.06
C VAL A 111 -14.73 7.65 14.65
N ILE A 112 -14.01 7.37 13.56
CA ILE A 112 -13.84 6.02 13.06
C ILE A 112 -12.35 5.67 13.12
N ILE A 113 -12.03 4.58 13.80
CA ILE A 113 -10.66 4.16 13.99
C ILE A 113 -10.38 2.85 13.27
N ALA A 114 -9.65 2.91 12.17
CA ALA A 114 -9.27 1.72 11.42
C ALA A 114 -7.95 1.17 11.94
N LEU A 115 -8.01 -0.01 12.55
CA LEU A 115 -6.84 -0.64 13.15
C LEU A 115 -6.54 -1.97 12.48
N GLY A 116 -5.46 -2.00 11.70
CA GLY A 116 -5.02 -3.23 11.06
C GLY A 116 -4.26 -2.99 9.77
N GLY A 117 -4.23 -4.02 8.93
CA GLY A 117 -3.55 -3.94 7.65
C GLY A 117 -4.37 -3.18 6.63
N GLY A 118 -4.15 -3.46 5.36
CA GLY A 118 -4.86 -2.78 4.29
C GLY A 118 -6.34 -3.14 4.23
N SER A 119 -6.68 -4.33 4.72
CA SER A 119 -8.05 -4.81 4.64
C SER A 119 -9.01 -4.03 5.55
N PRO A 120 -8.71 -3.95 6.85
CA PRO A 120 -9.60 -3.15 7.70
C PRO A 120 -9.55 -1.66 7.34
N MET A 121 -8.42 -1.22 6.80
CA MET A 121 -8.25 0.17 6.42
C MET A 121 -9.19 0.52 5.27
N ASP A 122 -9.13 -0.29 4.22
CA ASP A 122 -9.97 -0.08 3.04
C ASP A 122 -11.43 -0.32 3.37
N ALA A 123 -11.68 -1.30 4.24
CA ALA A 123 -13.04 -1.62 4.65
C ALA A 123 -13.66 -0.45 5.41
N ALA A 124 -12.87 0.15 6.31
CA ALA A 124 -13.33 1.27 7.11
C ALA A 124 -13.56 2.51 6.27
N LYS A 125 -12.66 2.77 5.32
CA LYS A 125 -12.81 3.88 4.38
C LYS A 125 -14.12 3.78 3.61
N ALA A 126 -14.49 2.55 3.23
CA ALA A 126 -15.69 2.33 2.44
C ALA A 126 -16.96 2.63 3.26
N MET A 127 -16.96 2.22 4.53
CA MET A 127 -18.08 2.48 5.41
C MET A 127 -18.22 3.97 5.65
N TRP A 128 -17.08 4.63 5.80
CA TRP A 128 -17.03 6.07 6.02
C TRP A 128 -17.72 6.81 4.89
N LEU A 129 -17.51 6.34 3.67
CA LEU A 129 -18.11 6.93 2.48
C LEU A 129 -19.63 6.92 2.58
N PHE A 130 -20.20 5.74 2.78
CA PHE A 130 -21.66 5.58 2.77
C PHE A 130 -22.30 6.13 4.05
N TYR A 131 -21.53 6.17 5.13
CA TYR A 131 -22.01 6.75 6.37
C TYR A 131 -22.18 8.25 6.19
N GLU A 132 -21.18 8.88 5.58
CA GLU A 132 -21.19 10.32 5.35
C GLU A 132 -22.11 10.68 4.19
N HIS A 133 -22.18 9.79 3.20
CA HIS A 133 -23.00 10.01 2.02
C HIS A 133 -24.04 8.91 1.87
N PRO A 134 -25.15 9.00 2.63
CA PRO A 134 -26.19 7.97 2.56
C PRO A 134 -26.85 7.92 1.18
N THR A 135 -26.67 8.99 0.41
CA THR A 135 -27.30 9.14 -0.90
C THR A 135 -26.44 8.53 -2.01
N ALA A 136 -25.36 7.85 -1.61
CA ALA A 136 -24.45 7.21 -2.57
C ALA A 136 -24.84 5.76 -2.80
N ASP A 137 -24.63 5.29 -4.03
CA ASP A 137 -24.92 3.91 -4.43
C ASP A 137 -23.64 3.24 -4.89
N PHE A 138 -23.45 1.99 -4.49
CA PHE A 138 -22.27 1.24 -4.91
C PHE A 138 -22.35 0.84 -6.38
N ASN A 139 -23.55 0.52 -6.84
CA ASN A 139 -23.76 0.15 -8.24
C ASN A 139 -23.33 1.28 -9.16
N ALA A 140 -23.46 2.51 -8.68
CA ALA A 140 -23.02 3.68 -9.43
C ALA A 140 -21.50 3.78 -9.42
N LEU A 141 -20.92 3.52 -8.25
CA LEU A 141 -19.46 3.62 -8.07
C LEU A 141 -18.72 2.53 -8.85
N LYS A 142 -19.41 1.42 -9.09
CA LYS A 142 -18.82 0.30 -9.82
C LYS A 142 -18.36 0.70 -11.21
N GLN A 143 -19.07 1.65 -11.81
CA GLN A 143 -18.87 2.00 -13.21
C GLN A 143 -17.90 3.16 -13.39
N LYS A 144 -18.01 4.15 -12.52
CA LYS A 144 -17.10 5.29 -12.57
C LYS A 144 -15.72 4.86 -12.12
N PHE A 145 -14.70 5.23 -12.88
CA PHE A 145 -13.35 4.75 -12.67
C PHE A 145 -12.40 5.86 -12.22
N LEU A 146 -11.35 5.47 -11.49
CA LEU A 146 -10.36 6.41 -11.00
C LEU A 146 -9.50 6.95 -12.14
N ASP A 147 -9.79 8.17 -12.55
CA ASP A 147 -8.95 8.87 -13.52
C ASP A 147 -7.89 9.66 -12.78
N ILE A 148 -6.64 9.26 -12.94
CA ILE A 148 -5.54 9.84 -12.18
C ILE A 148 -5.04 11.17 -12.78
N ARG A 149 -5.76 11.67 -13.79
CA ARG A 149 -5.44 12.96 -14.39
C ARG A 149 -6.23 14.08 -13.71
N LYS A 150 -7.29 13.70 -13.01
CA LYS A 150 -8.17 14.68 -12.37
C LYS A 150 -7.57 15.22 -11.07
N ARG A 151 -7.76 16.52 -10.85
CA ARG A 151 -7.11 17.25 -9.76
C ARG A 151 -8.10 17.77 -8.73
N VAL A 152 -9.35 17.30 -8.80
CA VAL A 152 -10.37 17.66 -7.82
C VAL A 152 -11.32 16.49 -7.61
N TYR A 153 -11.72 16.27 -6.37
CA TYR A 153 -12.70 15.25 -6.05
C TYR A 153 -14.10 15.75 -6.37
N LYS A 154 -14.94 14.88 -6.91
CA LYS A 154 -16.34 15.21 -7.14
C LYS A 154 -17.05 15.39 -5.80
N TYR A 155 -16.61 14.61 -4.82
CA TYR A 155 -17.17 14.67 -3.47
C TYR A 155 -16.03 14.73 -2.45
N PRO A 156 -15.45 15.93 -2.27
CA PRO A 156 -14.36 16.11 -1.31
C PRO A 156 -14.85 16.24 0.13
N LYS A 157 -13.91 16.29 1.07
CA LYS A 157 -14.25 16.46 2.48
C LYS A 157 -14.61 17.91 2.76
N LEU A 158 -15.88 18.15 3.07
CA LEU A 158 -16.39 19.49 3.35
C LEU A 158 -16.95 19.58 4.76
N GLY A 159 -17.98 18.78 5.03
CA GLY A 159 -18.59 18.72 6.34
C GLY A 159 -18.91 17.28 6.71
N GLN A 160 -18.09 16.71 7.59
CA GLN A 160 -18.20 15.30 7.96
C GLN A 160 -18.58 15.15 9.42
N LYS A 161 -19.42 14.15 9.71
CA LYS A 161 -19.91 13.93 11.07
C LYS A 161 -18.97 13.05 11.88
N ALA A 162 -18.01 12.42 11.20
CA ALA A 162 -17.01 11.60 11.88
C ALA A 162 -15.62 11.83 11.33
N LYS A 163 -14.64 11.89 12.23
CA LYS A 163 -13.23 11.96 11.84
C LYS A 163 -12.72 10.55 11.59
N PHE A 164 -11.76 10.40 10.67
CA PHE A 164 -11.19 9.10 10.37
C PHE A 164 -9.74 9.00 10.83
N VAL A 165 -9.47 8.04 11.71
CA VAL A 165 -8.13 7.80 12.23
C VAL A 165 -7.61 6.45 11.73
N ALA A 166 -6.51 6.48 10.99
CA ALA A 166 -5.89 5.26 10.48
C ALA A 166 -4.71 4.85 11.36
N ILE A 167 -4.67 3.59 11.74
CA ILE A 167 -3.61 3.07 12.60
C ILE A 167 -3.06 1.76 12.01
N PRO A 168 -2.07 1.86 11.11
CA PRO A 168 -1.50 0.67 10.47
C PRO A 168 -0.72 -0.22 11.44
N THR A 169 -0.75 -1.53 11.18
CA THR A 169 -0.11 -2.52 12.05
C THR A 169 0.89 -3.37 11.30
N THR A 170 1.09 -3.06 10.02
CA THR A 170 2.14 -3.67 9.22
C THR A 170 2.98 -2.58 8.59
N SER A 171 4.13 -2.96 8.04
CA SER A 171 5.09 -2.01 7.49
C SER A 171 5.56 -2.45 6.11
N GLY A 172 4.69 -2.42 5.11
CA GLY A 172 3.29 -2.02 5.25
C GLY A 172 2.71 -1.60 3.91
N THR A 173 1.40 -1.35 3.89
CA THR A 173 0.71 -0.97 2.65
C THR A 173 0.71 0.54 2.42
N GLY A 174 0.86 1.30 3.50
CA GLY A 174 0.81 2.75 3.42
C GLY A 174 -0.58 3.26 3.06
N SER A 175 -1.60 2.49 3.37
CA SER A 175 -2.98 2.86 3.06
C SER A 175 -3.49 3.96 3.99
N GLU A 176 -2.76 4.19 5.07
CA GLU A 176 -3.17 5.18 6.07
C GLU A 176 -2.98 6.62 5.59
N VAL A 177 -2.47 6.81 4.37
CA VAL A 177 -2.27 8.15 3.81
C VAL A 177 -2.90 8.32 2.43
N THR A 178 -3.53 7.28 1.91
CA THR A 178 -4.12 7.32 0.57
C THR A 178 -5.62 7.52 0.62
N SER A 179 -6.18 7.97 -0.50
N SER A 179 -6.17 7.97 -0.50
CA SER A 179 -7.63 8.08 -0.65
CA SER A 179 -7.62 8.09 -0.67
C SER A 179 -8.17 6.86 -1.38
C SER A 179 -8.17 6.86 -1.39
N PHE A 180 -7.35 5.82 -1.49
CA PHE A 180 -7.71 4.62 -2.23
C PHE A 180 -8.41 3.60 -1.33
N ALA A 181 -9.65 3.27 -1.68
CA ALA A 181 -10.40 2.22 -1.02
C ALA A 181 -10.86 1.21 -2.09
N VAL A 182 -10.54 -0.06 -1.87
CA VAL A 182 -10.90 -1.11 -2.79
C VAL A 182 -11.78 -2.14 -2.08
N ILE A 183 -12.90 -2.50 -2.71
CA ILE A 183 -13.80 -3.51 -2.16
C ILE A 183 -14.22 -4.53 -3.22
N THR A 184 -14.05 -5.81 -2.87
CA THR A 184 -14.36 -6.92 -3.78
C THR A 184 -15.87 -7.16 -3.85
N ASP A 185 -16.33 -7.85 -4.88
CA ASP A 185 -17.76 -8.08 -5.09
C ASP A 185 -18.23 -9.51 -4.78
N LYS A 186 -17.34 -10.48 -5.00
CA LYS A 186 -17.63 -11.91 -4.76
C LYS A 186 -18.54 -12.53 -5.82
N LYS A 187 -19.76 -12.03 -5.97
CA LYS A 187 -20.66 -12.48 -7.02
C LYS A 187 -20.25 -11.83 -8.34
N THR A 188 -18.98 -12.04 -8.70
CA THR A 188 -18.31 -11.34 -9.79
C THR A 188 -16.80 -11.39 -9.51
N ASN A 189 -16.42 -10.94 -8.31
CA ASN A 189 -15.04 -10.99 -7.83
C ASN A 189 -14.13 -9.96 -8.52
N ILE A 190 -14.75 -9.01 -9.22
CA ILE A 190 -14.02 -7.90 -9.81
C ILE A 190 -13.60 -6.99 -8.65
N LYS A 191 -12.39 -6.44 -8.73
CA LYS A 191 -11.87 -5.56 -7.70
C LYS A 191 -12.12 -4.11 -8.10
N TYR A 192 -12.92 -3.41 -7.29
CA TYR A 192 -13.36 -2.06 -7.63
C TYR A 192 -12.73 -0.99 -6.75
N PRO A 193 -11.81 -0.19 -7.31
CA PRO A 193 -11.38 1.03 -6.61
C PRO A 193 -12.49 2.07 -6.57
N LEU A 194 -12.67 2.72 -5.43
CA LEU A 194 -13.71 3.74 -5.27
C LEU A 194 -13.12 5.14 -5.44
N ALA A 195 -13.56 5.84 -6.49
CA ALA A 195 -13.07 7.17 -6.79
C ALA A 195 -14.16 8.22 -6.53
N ASP A 196 -13.93 9.44 -7.01
CA ASP A 196 -14.85 10.57 -6.85
C ASP A 196 -14.96 11.07 -5.40
N TYR A 197 -15.04 10.13 -4.45
CA TYR A 197 -15.13 10.50 -3.04
C TYR A 197 -13.73 10.60 -2.41
N GLU A 198 -13.53 11.64 -1.60
CA GLU A 198 -12.26 11.85 -0.92
C GLU A 198 -12.23 11.08 0.40
N LEU A 199 -11.37 10.08 0.47
CA LEU A 199 -11.32 9.17 1.61
C LEU A 199 -9.98 9.20 2.33
N THR A 200 -9.24 10.29 2.19
CA THR A 200 -7.98 10.44 2.90
C THR A 200 -8.28 10.56 4.40
N PRO A 201 -7.54 9.80 5.23
CA PRO A 201 -7.78 9.91 6.67
C PRO A 201 -7.48 11.29 7.23
N ASP A 202 -8.17 11.67 8.29
CA ASP A 202 -7.92 12.95 8.95
C ASP A 202 -6.66 12.87 9.79
N VAL A 203 -6.41 11.69 10.35
CA VAL A 203 -5.24 11.45 11.18
C VAL A 203 -4.64 10.08 10.89
N ALA A 204 -3.32 10.02 10.87
CA ALA A 204 -2.60 8.76 10.75
C ALA A 204 -1.73 8.58 11.98
N ILE A 205 -1.88 7.44 12.65
CA ILE A 205 -1.07 7.13 13.83
C ILE A 205 -0.13 5.98 13.50
N VAL A 206 1.15 6.31 13.31
CA VAL A 206 2.17 5.34 12.95
C VAL A 206 2.96 4.95 14.19
N ASP A 207 2.45 3.97 14.92
CA ASP A 207 3.05 3.54 16.19
C ASP A 207 3.74 2.19 16.01
N PRO A 208 5.07 2.14 16.21
CA PRO A 208 5.79 0.89 15.97
C PRO A 208 5.50 -0.22 16.98
N GLN A 209 4.79 0.10 18.06
CA GLN A 209 4.47 -0.92 19.06
C GLN A 209 3.51 -1.96 18.49
N PHE A 210 2.82 -1.60 17.40
CA PHE A 210 1.85 -2.49 16.77
C PHE A 210 2.50 -3.44 15.76
N VAL A 211 3.77 -3.21 15.46
CA VAL A 211 4.49 -3.96 14.44
C VAL A 211 5.48 -4.96 15.07
N MET A 212 5.69 -4.82 16.37
CA MET A 212 6.67 -5.64 17.09
C MET A 212 6.50 -7.14 16.90
N THR A 213 5.26 -7.58 16.75
CA THR A 213 4.93 -9.01 16.77
C THR A 213 4.90 -9.65 15.38
N VAL A 214 5.11 -8.84 14.34
CA VAL A 214 5.00 -9.34 12.97
C VAL A 214 6.07 -10.42 12.68
N PRO A 215 5.62 -11.61 12.23
CA PRO A 215 6.59 -12.68 11.92
C PRO A 215 7.56 -12.29 10.79
N LYS A 216 8.72 -12.94 10.75
CA LYS A 216 9.84 -12.44 9.96
C LYS A 216 9.70 -12.64 8.44
N HIS A 217 8.93 -13.64 8.02
N HIS A 217 8.94 -13.64 8.03
CA HIS A 217 8.77 -13.92 6.60
CA HIS A 217 8.77 -13.92 6.60
C HIS A 217 7.79 -12.95 5.94
C HIS A 217 7.76 -12.99 5.94
N VAL A 218 6.97 -12.29 6.76
CA VAL A 218 6.05 -11.27 6.27
C VAL A 218 6.65 -9.89 6.53
N THR A 219 7.57 -9.82 7.49
CA THR A 219 8.39 -8.63 7.67
C THR A 219 9.15 -8.39 6.38
N ALA A 220 9.61 -9.47 5.77
CA ALA A 220 10.34 -9.41 4.51
C ALA A 220 9.40 -9.07 3.35
N ASP A 221 8.24 -9.71 3.31
CA ASP A 221 7.26 -9.45 2.27
C ASP A 221 6.83 -7.99 2.29
N THR A 222 6.23 -7.57 3.40
CA THR A 222 5.73 -6.20 3.54
C THR A 222 6.84 -5.18 3.40
N GLY A 223 8.04 -5.55 3.85
CA GLY A 223 9.19 -4.67 3.76
C GLY A 223 9.61 -4.39 2.33
N MET A 224 9.48 -5.40 1.47
CA MET A 224 9.86 -5.25 0.07
C MET A 224 8.76 -4.56 -0.75
N ASP A 225 7.52 -4.62 -0.28
CA ASP A 225 6.44 -3.88 -0.94
C ASP A 225 6.63 -2.38 -0.73
N VAL A 226 7.14 -2.01 0.44
CA VAL A 226 7.48 -0.62 0.72
C VAL A 226 8.51 -0.14 -0.29
N LEU A 227 9.53 -0.97 -0.50
CA LEU A 227 10.60 -0.65 -1.43
C LEU A 227 10.06 -0.57 -2.86
N THR A 228 9.10 -1.43 -3.18
CA THR A 228 8.50 -1.43 -4.52
C THR A 228 7.64 -0.19 -4.71
N HIS A 229 6.89 0.18 -3.68
CA HIS A 229 6.07 1.39 -3.71
C HIS A 229 6.95 2.60 -4.00
N ALA A 230 8.11 2.68 -3.33
CA ALA A 230 8.97 3.85 -3.42
C ALA A 230 9.66 3.97 -4.78
N ILE A 231 10.22 2.85 -5.25
CA ILE A 231 10.90 2.84 -6.54
C ILE A 231 9.93 3.17 -7.68
N GLU A 232 8.75 2.55 -7.65
CA GLU A 232 7.74 2.79 -8.68
C GLU A 232 7.24 4.22 -8.64
N ALA A 233 7.08 4.75 -7.43
CA ALA A 233 6.64 6.14 -7.25
C ALA A 233 7.69 7.10 -7.81
N TYR A 234 8.95 6.69 -7.79
CA TYR A 234 10.03 7.55 -8.21
C TYR A 234 10.21 7.61 -9.73
N VAL A 235 9.92 6.51 -10.41
CA VAL A 235 10.01 6.47 -11.87
C VAL A 235 8.64 6.62 -12.53
N SER A 236 7.61 6.80 -11.72
CA SER A 236 6.26 7.00 -12.24
C SER A 236 6.22 8.23 -13.15
N ASN A 237 5.30 8.24 -14.11
CA ASN A 237 5.13 9.40 -15.00
C ASN A 237 4.38 10.55 -14.30
N MET A 238 4.02 10.33 -13.03
CA MET A 238 3.36 11.34 -12.19
C MET A 238 4.30 11.89 -11.13
N ALA A 239 5.56 11.42 -11.13
CA ALA A 239 6.52 11.82 -10.11
C ALA A 239 6.81 13.31 -10.20
N ASN A 240 6.97 13.94 -9.04
CA ASN A 240 7.24 15.35 -8.95
C ASN A 240 8.22 15.64 -7.82
N ASP A 241 8.58 16.91 -7.65
CA ASP A 241 9.56 17.33 -6.66
C ASP A 241 9.16 16.93 -5.24
N TYR A 242 7.86 16.94 -4.96
CA TYR A 242 7.36 16.66 -3.62
C TYR A 242 7.41 15.17 -3.28
N THR A 243 7.04 14.33 -4.24
CA THR A 243 7.04 12.89 -4.00
C THR A 243 8.43 12.27 -4.12
N ASP A 244 9.32 12.91 -4.88
CA ASP A 244 10.65 12.35 -5.12
C ASP A 244 11.47 12.24 -3.84
N GLY A 245 11.48 13.29 -3.03
CA GLY A 245 12.23 13.30 -1.80
C GLY A 245 11.75 12.24 -0.83
N LEU A 246 10.42 12.08 -0.75
CA LEU A 246 9.82 11.08 0.13
C LEU A 246 10.14 9.67 -0.34
N ALA A 247 10.01 9.44 -1.64
CA ALA A 247 10.28 8.12 -2.20
C ALA A 247 11.74 7.75 -1.99
N MET A 248 12.64 8.71 -2.18
CA MET A 248 14.05 8.46 -2.05
C MET A 248 14.39 8.10 -0.60
N LYS A 249 13.81 8.82 0.34
CA LYS A 249 14.03 8.57 1.76
C LYS A 249 13.59 7.16 2.13
N ALA A 250 12.42 6.77 1.64
CA ALA A 250 11.88 5.44 1.90
C ALA A 250 12.85 4.36 1.44
N ILE A 251 13.34 4.50 0.22
CA ILE A 251 14.30 3.56 -0.35
C ILE A 251 15.53 3.44 0.55
N GLN A 252 16.03 4.57 1.03
CA GLN A 252 17.20 4.60 1.90
C GLN A 252 16.97 3.80 3.18
N LEU A 253 15.82 4.05 3.82
CA LEU A 253 15.51 3.44 5.10
C LEU A 253 15.39 1.92 5.01
N VAL A 254 14.87 1.42 3.89
CA VAL A 254 14.67 -0.01 3.72
C VAL A 254 16.01 -0.74 3.63
N PHE A 255 16.88 -0.24 2.77
CA PHE A 255 18.19 -0.86 2.57
C PHE A 255 19.02 -0.82 3.86
N GLU A 256 18.66 0.09 4.75
CA GLU A 256 19.43 0.32 5.98
C GLU A 256 18.93 -0.52 7.14
N TYR A 257 17.62 -0.79 7.19
CA TYR A 257 17.01 -1.36 8.39
C TYR A 257 16.13 -2.60 8.15
N LEU A 258 15.79 -2.89 6.91
CA LEU A 258 14.97 -4.06 6.63
C LEU A 258 15.71 -5.36 6.95
N PRO A 259 17.01 -5.42 6.64
CA PRO A 259 17.77 -6.61 7.06
C PRO A 259 17.78 -6.76 8.57
N ARG A 260 18.00 -5.66 9.29
CA ARG A 260 18.00 -5.67 10.75
C ARG A 260 16.64 -6.11 11.30
N ALA A 261 15.57 -5.54 10.76
CA ALA A 261 14.22 -5.89 11.18
C ALA A 261 13.93 -7.36 10.95
N TYR A 262 14.51 -7.91 9.88
CA TYR A 262 14.32 -9.32 9.54
C TYR A 262 15.09 -10.23 10.48
N GLN A 263 16.37 -9.94 10.65
CA GLN A 263 17.24 -10.76 11.49
C GLN A 263 16.82 -10.73 12.96
N ASN A 264 16.25 -9.59 13.39
CA ASN A 264 15.81 -9.44 14.78
C ASN A 264 14.60 -8.52 14.88
N GLY A 265 13.42 -9.12 15.03
CA GLY A 265 12.17 -8.37 15.11
C GLY A 265 12.00 -7.61 16.41
N ALA A 266 12.91 -7.84 17.36
CA ALA A 266 12.88 -7.13 18.63
C ALA A 266 13.68 -5.83 18.54
N ASP A 267 14.40 -5.65 17.44
CA ASP A 267 15.13 -4.42 17.17
C ASP A 267 14.13 -3.27 17.05
N GLU A 268 14.04 -2.45 18.10
CA GLU A 268 13.04 -1.39 18.15
C GLU A 268 13.32 -0.28 17.14
N LEU A 269 14.59 0.06 16.96
CA LEU A 269 14.97 1.10 16.00
C LEU A 269 14.63 0.66 14.59
N ALA A 270 14.93 -0.60 14.27
CA ALA A 270 14.69 -1.12 12.93
C ALA A 270 13.20 -1.15 12.61
N ARG A 271 12.39 -1.47 13.60
CA ARG A 271 10.95 -1.52 13.41
C ARG A 271 10.36 -0.12 13.25
N GLU A 272 10.87 0.82 14.04
CA GLU A 272 10.42 2.21 13.99
C GLU A 272 10.73 2.79 12.61
N LYS A 273 11.88 2.43 12.07
CA LYS A 273 12.33 2.96 10.77
C LYS A 273 11.51 2.38 9.62
N MET A 274 11.23 1.09 9.69
CA MET A 274 10.48 0.43 8.63
C MET A 274 9.02 0.88 8.61
N HIS A 275 8.47 1.12 9.80
CA HIS A 275 7.09 1.57 9.92
C HIS A 275 6.95 2.98 9.37
N ASN A 276 7.93 3.82 9.64
CA ASN A 276 7.95 5.17 9.06
C ASN A 276 8.16 5.11 7.55
N ALA A 277 9.09 4.27 7.11
CA ALA A 277 9.36 4.12 5.69
C ALA A 277 8.11 3.69 4.93
N SER A 278 7.28 2.87 5.58
CA SER A 278 6.03 2.40 4.99
C SER A 278 5.09 3.58 4.73
N THR A 279 4.99 4.48 5.69
CA THR A 279 4.13 5.64 5.56
C THR A 279 4.71 6.64 4.57
N ILE A 280 6.02 6.87 4.66
CA ILE A 280 6.69 7.79 3.78
C ILE A 280 6.60 7.31 2.32
N ALA A 281 6.75 6.01 2.12
CA ALA A 281 6.55 5.43 0.79
C ALA A 281 5.11 5.65 0.35
N GLY A 282 4.19 5.58 1.31
CA GLY A 282 2.78 5.83 1.05
C GLY A 282 2.52 7.25 0.60
N MET A 283 3.12 8.22 1.28
CA MET A 283 2.94 9.62 0.94
C MET A 283 3.41 9.91 -0.48
N ALA A 284 4.37 9.13 -0.96
CA ALA A 284 4.88 9.28 -2.31
C ALA A 284 3.90 8.71 -3.33
N PHE A 285 3.56 7.42 -3.18
CA PHE A 285 2.73 6.75 -4.19
C PHE A 285 1.25 7.12 -4.07
N ALA A 286 0.85 7.71 -2.94
CA ALA A 286 -0.50 8.22 -2.80
C ALA A 286 -0.74 9.32 -3.83
N ASN A 287 0.34 9.98 -4.23
CA ASN A 287 0.26 11.12 -5.15
C ASN A 287 0.91 10.86 -6.49
N ALA A 288 1.92 9.99 -6.50
CA ALA A 288 2.65 9.66 -7.73
C ALA A 288 2.19 8.34 -8.35
N PHE A 289 1.44 7.56 -7.58
CA PHE A 289 0.96 6.24 -8.03
C PHE A 289 2.13 5.29 -8.30
N LEU A 290 1.81 4.15 -8.90
CA LEU A 290 2.78 3.06 -9.03
C LEU A 290 3.10 2.74 -10.51
N GLY A 291 3.10 1.46 -10.86
CA GLY A 291 3.44 1.05 -12.22
C GLY A 291 3.06 -0.40 -12.49
N ILE A 292 3.68 -0.99 -13.51
CA ILE A 292 3.32 -2.34 -13.94
C ILE A 292 3.80 -3.41 -12.96
N ASN A 293 4.75 -3.06 -12.11
CA ASN A 293 5.25 -4.00 -11.13
C ASN A 293 4.14 -4.48 -10.22
N HIS A 294 3.26 -3.56 -9.84
CA HIS A 294 2.12 -3.90 -8.99
C HIS A 294 1.00 -4.54 -9.80
N SER A 295 0.88 -4.10 -11.05
CA SER A 295 -0.07 -4.70 -11.98
C SER A 295 0.28 -6.17 -12.16
N LEU A 296 1.54 -6.44 -12.50
CA LEU A 296 2.04 -7.80 -12.69
C LEU A 296 1.95 -8.63 -11.41
N ALA A 297 2.17 -7.99 -10.28
CA ALA A 297 2.16 -8.68 -8.99
C ALA A 297 0.74 -8.97 -8.51
N HIS A 298 -0.19 -8.04 -8.75
CA HIS A 298 -1.60 -8.23 -8.42
C HIS A 298 -2.11 -9.56 -8.97
N LYS A 299 -1.88 -9.77 -10.26
CA LYS A 299 -2.48 -10.90 -10.98
C LYS A 299 -1.68 -12.18 -10.73
N LEU A 300 -0.37 -12.07 -10.69
CA LEU A 300 0.50 -13.22 -10.43
C LEU A 300 0.20 -13.79 -9.04
N GLY A 301 -0.09 -12.90 -8.09
CA GLY A 301 -0.29 -13.30 -6.71
C GLY A 301 -1.69 -13.84 -6.46
N ALA A 302 -2.67 -13.34 -7.20
CA ALA A 302 -4.06 -13.77 -7.06
C ALA A 302 -4.30 -15.12 -7.73
N GLU A 303 -3.49 -15.41 -8.74
CA GLU A 303 -3.65 -16.63 -9.55
C GLU A 303 -2.92 -17.82 -8.93
N PHE A 304 -1.75 -17.56 -8.34
CA PHE A 304 -0.92 -18.60 -7.74
C PHE A 304 -0.80 -18.46 -6.23
N HIS A 305 -1.58 -17.54 -5.65
CA HIS A 305 -1.65 -17.35 -4.21
C HIS A 305 -0.27 -17.01 -3.63
N ILE A 306 0.50 -16.24 -4.39
CA ILE A 306 1.81 -15.77 -3.95
C ILE A 306 1.65 -14.44 -3.21
N PRO A 307 2.23 -14.32 -1.99
CA PRO A 307 2.16 -13.05 -1.25
C PRO A 307 2.59 -11.82 -2.04
N HIS A 308 1.88 -10.71 -1.82
CA HIS A 308 2.06 -9.46 -2.56
C HIS A 308 3.51 -9.01 -2.69
N GLY A 309 4.20 -8.82 -1.56
CA GLY A 309 5.56 -8.35 -1.57
C GLY A 309 6.53 -9.39 -2.11
N ARG A 310 6.15 -10.66 -1.98
CA ARG A 310 6.97 -11.78 -2.47
C ARG A 310 6.96 -11.77 -4.00
N ALA A 311 5.79 -11.50 -4.58
CA ALA A 311 5.63 -11.43 -6.03
C ALA A 311 6.33 -10.21 -6.61
N ASN A 312 6.28 -9.10 -5.87
CA ASN A 312 6.92 -7.86 -6.29
C ASN A 312 8.43 -7.99 -6.38
N THR A 313 9.01 -8.79 -5.49
CA THR A 313 10.46 -8.98 -5.44
C THR A 313 10.95 -9.80 -6.63
N ILE A 314 10.17 -10.80 -7.00
CA ILE A 314 10.50 -11.66 -8.14
C ILE A 314 10.48 -10.85 -9.44
N LEU A 315 9.55 -9.91 -9.53
CA LEU A 315 9.33 -9.16 -10.77
C LEU A 315 10.27 -7.97 -10.93
N MET A 316 10.68 -7.39 -9.81
CA MET A 316 11.41 -6.11 -9.82
C MET A 316 12.64 -6.06 -10.73
N PRO A 317 13.50 -7.10 -10.68
CA PRO A 317 14.68 -7.08 -11.53
C PRO A 317 14.34 -6.93 -13.01
N HIS A 318 13.26 -7.58 -13.43
CA HIS A 318 12.87 -7.63 -14.84
C HIS A 318 12.05 -6.43 -15.25
N VAL A 319 11.32 -5.85 -14.30
CA VAL A 319 10.51 -4.66 -14.58
C VAL A 319 11.40 -3.43 -14.69
N ILE A 320 12.42 -3.35 -13.84
CA ILE A 320 13.34 -2.22 -13.85
C ILE A 320 14.11 -2.19 -15.16
N ARG A 321 14.51 -3.38 -15.62
CA ARG A 321 15.25 -3.50 -16.87
C ARG A 321 14.38 -3.12 -18.06
N TYR A 322 13.10 -3.48 -17.99
CA TYR A 322 12.16 -3.08 -19.04
C TYR A 322 11.95 -1.57 -19.04
N ASN A 323 11.60 -1.03 -17.88
CA ASN A 323 11.34 0.41 -17.76
C ASN A 323 12.57 1.25 -18.09
N ALA A 324 13.74 0.69 -17.83
CA ALA A 324 15.00 1.39 -18.10
C ALA A 324 15.31 1.40 -19.59
N ALA A 325 14.83 0.40 -20.32
CA ALA A 325 15.05 0.32 -21.76
C ALA A 325 14.41 1.52 -22.44
N LYS A 326 15.23 2.32 -23.11
CA LYS A 326 14.74 3.52 -23.79
C LYS A 326 13.67 3.14 -24.80
N PRO A 327 12.54 3.88 -24.82
CA PRO A 327 11.38 3.44 -25.62
C PRO A 327 11.69 3.35 -27.12
N LYS A 328 10.96 2.47 -27.80
CA LYS A 328 11.14 2.28 -29.24
C LYS A 328 10.84 3.56 -29.99
N LYS A 329 11.89 4.19 -30.51
CA LYS A 329 11.75 5.43 -31.27
C LYS A 329 12.99 5.69 -32.12
N TYR A 338 9.20 13.32 -22.60
CA TYR A 338 10.62 13.15 -22.33
C TYR A 338 10.85 11.98 -21.36
N PHE A 339 11.48 10.93 -21.88
CA PHE A 339 11.75 9.71 -21.11
C PHE A 339 12.98 9.85 -20.23
N LYS A 340 12.85 9.45 -18.96
CA LYS A 340 13.93 9.62 -17.99
C LYS A 340 14.06 8.44 -17.03
N ALA A 341 13.25 7.39 -17.23
CA ALA A 341 13.18 6.30 -16.26
C ALA A 341 14.54 5.65 -16.02
N ASP A 342 15.35 5.56 -17.07
CA ASP A 342 16.68 4.96 -16.95
C ASP A 342 17.59 5.81 -16.08
N GLN A 343 17.52 7.13 -16.28
CA GLN A 343 18.32 8.05 -15.50
C GLN A 343 17.91 8.05 -14.04
N ARG A 344 16.60 7.96 -13.81
CA ARG A 344 16.07 8.04 -12.45
C ARG A 344 16.39 6.79 -11.64
N TYR A 345 16.44 5.64 -12.31
CA TYR A 345 16.89 4.42 -11.67
C TYR A 345 18.34 4.56 -11.23
N ALA A 346 19.13 5.27 -12.03
CA ALA A 346 20.55 5.47 -11.73
C ALA A 346 20.75 6.46 -10.58
N GLU A 347 19.83 7.41 -10.44
CA GLU A 347 19.87 8.35 -9.33
C GLU A 347 19.73 7.60 -8.00
N ILE A 348 18.90 6.56 -7.99
CA ILE A 348 18.69 5.77 -6.79
C ILE A 348 19.96 5.00 -6.46
N ALA A 349 20.62 4.46 -7.47
CA ALA A 349 21.87 3.76 -7.29
C ALA A 349 22.94 4.71 -6.76
N ARG A 350 22.99 5.90 -7.36
CA ARG A 350 24.01 6.88 -7.02
C ARG A 350 23.88 7.32 -5.56
N MET A 351 22.64 7.52 -5.11
CA MET A 351 22.40 7.95 -3.74
C MET A 351 22.64 6.80 -2.77
N LEU A 352 22.43 5.58 -3.24
CA LEU A 352 22.73 4.39 -2.45
C LEU A 352 24.24 4.16 -2.34
N GLY A 353 25.01 4.96 -3.08
CA GLY A 353 26.46 4.86 -3.05
C GLY A 353 26.96 3.75 -3.94
N LEU A 354 26.13 3.33 -4.88
CA LEU A 354 26.47 2.25 -5.80
C LEU A 354 27.08 2.82 -7.08
N PRO A 355 27.86 2.00 -7.80
CA PRO A 355 28.45 2.42 -9.07
C PRO A 355 27.39 2.86 -10.09
N ALA A 356 27.45 4.12 -10.49
CA ALA A 356 26.54 4.68 -11.47
C ALA A 356 27.26 5.73 -12.30
N ARG A 357 28.48 5.41 -12.73
CA ARG A 357 29.27 6.32 -13.55
C ARG A 357 28.57 6.57 -14.88
N THR A 358 27.82 5.58 -15.35
CA THR A 358 26.96 5.73 -16.51
C THR A 358 25.56 5.27 -16.14
N THR A 359 24.56 5.78 -16.87
CA THR A 359 23.17 5.45 -16.62
C THR A 359 22.93 3.94 -16.69
N GLU A 360 23.61 3.28 -17.62
CA GLU A 360 23.36 1.87 -17.88
C GLU A 360 23.82 0.98 -16.73
N GLU A 361 25.02 1.23 -16.20
CA GLU A 361 25.55 0.44 -15.11
C GLU A 361 24.88 0.84 -13.79
N GLY A 362 24.51 2.11 -13.69
CA GLY A 362 23.80 2.60 -12.53
C GLY A 362 22.49 1.85 -12.36
N VAL A 363 21.82 1.59 -13.48
CA VAL A 363 20.58 0.83 -13.47
C VAL A 363 20.84 -0.58 -12.97
N GLU A 364 21.86 -1.23 -13.53
CA GLU A 364 22.14 -2.62 -13.19
C GLU A 364 22.65 -2.75 -11.76
N SER A 365 23.29 -1.69 -11.27
CA SER A 365 23.73 -1.68 -9.87
C SER A 365 22.52 -1.79 -8.96
N LEU A 366 21.50 -0.97 -9.24
CA LEU A 366 20.26 -1.00 -8.46
C LEU A 366 19.63 -2.38 -8.50
N VAL A 367 19.65 -3.01 -9.68
CA VAL A 367 19.09 -4.34 -9.84
C VAL A 367 19.82 -5.33 -8.94
N GLN A 368 21.14 -5.25 -8.92
CA GLN A 368 21.95 -6.18 -8.13
C GLN A 368 21.77 -5.96 -6.63
N ALA A 369 21.60 -4.70 -6.23
CA ALA A 369 21.38 -4.38 -4.81
C ALA A 369 20.10 -5.01 -4.32
N ILE A 370 19.07 -5.02 -5.17
CA ILE A 370 17.78 -5.58 -4.82
C ILE A 370 17.86 -7.11 -4.73
N ILE A 371 18.66 -7.71 -5.60
CA ILE A 371 18.84 -9.16 -5.58
C ILE A 371 19.55 -9.57 -4.29
N LYS A 372 20.57 -8.79 -3.90
CA LYS A 372 21.29 -9.06 -2.67
C LYS A 372 20.33 -9.02 -1.49
N LEU A 373 19.58 -7.93 -1.40
CA LEU A 373 18.61 -7.75 -0.33
C LEU A 373 17.64 -8.92 -0.27
N ALA A 374 17.08 -9.30 -1.41
CA ALA A 374 16.11 -10.40 -1.48
C ALA A 374 16.70 -11.68 -0.93
N LYS A 375 17.99 -11.90 -1.18
CA LYS A 375 18.68 -13.09 -0.70
C LYS A 375 18.88 -13.05 0.82
N GLN A 376 19.17 -11.87 1.35
CA GLN A 376 19.31 -11.70 2.79
C GLN A 376 18.02 -12.06 3.51
N LEU A 377 16.89 -11.83 2.84
CA LEU A 377 15.57 -12.07 3.43
C LEU A 377 15.05 -13.47 3.11
N ASP A 378 15.89 -14.29 2.47
CA ASP A 378 15.53 -15.66 2.15
C ASP A 378 14.26 -15.74 1.30
N MET A 379 14.16 -14.84 0.33
CA MET A 379 12.99 -14.80 -0.54
C MET A 379 13.32 -15.46 -1.88
N PRO A 380 12.29 -16.02 -2.54
CA PRO A 380 12.51 -16.64 -3.85
C PRO A 380 12.88 -15.61 -4.90
N LEU A 381 13.46 -16.06 -6.01
CA LEU A 381 13.87 -15.16 -7.08
C LEU A 381 13.36 -15.66 -8.43
N SER A 382 12.29 -16.44 -8.40
CA SER A 382 11.67 -16.91 -9.62
C SER A 382 10.26 -17.41 -9.31
N ILE A 383 9.40 -17.43 -10.33
CA ILE A 383 8.04 -17.92 -10.16
C ILE A 383 8.08 -19.44 -9.95
N GLU A 384 9.07 -20.08 -10.57
CA GLU A 384 9.24 -21.51 -10.45
C GLU A 384 9.63 -21.90 -9.02
N ALA A 385 10.40 -21.02 -8.37
CA ALA A 385 10.85 -21.28 -7.00
C ALA A 385 9.69 -21.24 -6.00
N CYS A 386 8.56 -20.68 -6.42
CA CYS A 386 7.40 -20.53 -5.54
C CYS A 386 6.53 -21.78 -5.50
N GLY A 387 6.79 -22.71 -6.41
CA GLY A 387 6.02 -23.95 -6.49
C GLY A 387 5.19 -24.03 -7.76
N VAL A 388 5.31 -23.02 -8.61
CA VAL A 388 4.56 -22.96 -9.86
C VAL A 388 5.26 -23.81 -10.92
N SER A 389 4.52 -24.73 -11.53
CA SER A 389 5.05 -25.54 -12.62
C SER A 389 5.35 -24.64 -13.82
N LYS A 390 5.91 -25.23 -14.87
CA LYS A 390 6.18 -24.48 -16.09
C LYS A 390 5.00 -24.61 -17.05
N GLN A 391 4.21 -25.66 -16.88
CA GLN A 391 2.99 -25.84 -17.65
C GLN A 391 1.84 -25.05 -17.02
N GLU A 392 1.82 -25.03 -15.69
CA GLU A 392 0.83 -24.27 -14.95
C GLU A 392 1.00 -22.77 -15.27
N PHE A 393 2.24 -22.37 -15.50
CA PHE A 393 2.57 -20.98 -15.79
C PHE A 393 2.28 -20.61 -17.24
N GLU A 394 2.81 -21.39 -18.18
CA GLU A 394 2.67 -21.10 -19.60
C GLU A 394 1.20 -21.11 -20.05
N SER A 395 0.36 -21.80 -19.28
CA SER A 395 -1.06 -21.88 -19.61
C SER A 395 -1.83 -20.65 -19.15
N LYS A 396 -1.21 -19.85 -18.29
CA LYS A 396 -1.88 -18.70 -17.69
C LYS A 396 -1.26 -17.37 -18.11
N VAL A 397 -0.09 -17.41 -18.73
CA VAL A 397 0.72 -16.21 -18.93
C VAL A 397 0.03 -15.13 -19.78
N GLU A 398 -0.69 -15.55 -20.83
CA GLU A 398 -1.39 -14.60 -21.69
C GLU A 398 -2.53 -13.93 -20.91
N LYS A 399 -3.21 -14.72 -20.10
CA LYS A 399 -4.33 -14.23 -19.29
C LYS A 399 -3.86 -13.16 -18.31
N LEU A 400 -2.80 -13.45 -17.57
CA LEU A 400 -2.30 -12.53 -16.56
C LEU A 400 -1.73 -11.27 -17.19
N ALA A 401 -1.06 -11.41 -18.32
CA ALA A 401 -0.46 -10.27 -19.00
C ALA A 401 -1.54 -9.29 -19.45
N GLU A 402 -2.65 -9.83 -19.93
CA GLU A 402 -3.76 -9.00 -20.39
C GLU A 402 -4.43 -8.28 -19.23
N LEU A 403 -4.59 -9.00 -18.12
CA LEU A 403 -5.19 -8.43 -16.92
C LEU A 403 -4.26 -7.40 -16.29
N ALA A 404 -2.96 -7.68 -16.31
CA ALA A 404 -1.97 -6.77 -15.77
C ALA A 404 -2.03 -5.43 -16.49
N PHE A 405 -2.09 -5.49 -17.82
CA PHE A 405 -2.19 -4.28 -18.63
C PHE A 405 -3.43 -3.47 -18.23
N GLU A 406 -4.52 -4.19 -17.96
CA GLU A 406 -5.79 -3.56 -17.62
C GLU A 406 -5.78 -2.93 -16.23
N ASP A 407 -4.84 -3.34 -15.40
CA ASP A 407 -4.73 -2.81 -14.05
C ASP A 407 -4.53 -1.30 -14.08
N GLN A 408 -5.23 -0.60 -13.19
CA GLN A 408 -5.15 0.85 -13.06
C GLN A 408 -3.70 1.34 -12.96
N THR A 410 -1.04 0.43 -14.30
CA THR A 410 -0.32 0.48 -15.56
C THR A 410 -0.30 1.89 -16.16
N THR A 411 -1.35 2.65 -15.86
CA THR A 411 -1.50 4.00 -16.40
C THR A 411 -0.36 4.92 -15.98
N ALA A 412 0.23 4.67 -14.82
CA ALA A 412 1.24 5.55 -14.26
C ALA A 412 2.67 5.04 -14.52
N ASN A 413 2.79 3.94 -15.26
CA ASN A 413 4.10 3.40 -15.60
C ASN A 413 4.85 4.38 -16.50
N PRO A 414 6.18 4.49 -16.34
CA PRO A 414 6.93 5.45 -17.15
C PRO A 414 6.78 5.26 -18.67
N LYS A 415 6.43 4.05 -19.08
CA LYS A 415 6.14 3.78 -20.49
C LYS A 415 5.04 2.74 -20.63
N LEU A 416 4.09 3.03 -21.50
CA LEU A 416 2.94 2.14 -21.72
C LEU A 416 3.40 0.89 -22.46
N PRO A 417 3.25 -0.29 -21.83
CA PRO A 417 3.73 -1.52 -22.46
C PRO A 417 2.67 -2.23 -23.29
N LEU A 418 3.12 -3.01 -24.27
CA LEU A 418 2.24 -3.92 -24.99
C LEU A 418 1.98 -5.13 -24.10
N VAL A 419 0.90 -5.86 -24.38
CA VAL A 419 0.62 -7.09 -23.66
C VAL A 419 1.78 -8.06 -23.86
N SER A 420 2.41 -7.98 -25.03
CA SER A 420 3.55 -8.85 -25.34
C SER A 420 4.76 -8.50 -24.47
N ASP A 421 4.91 -7.23 -24.13
CA ASP A 421 6.01 -6.81 -23.25
C ASP A 421 5.84 -7.43 -21.87
N LEU A 422 4.59 -7.54 -21.42
CA LEU A 422 4.30 -8.09 -20.10
C LEU A 422 4.45 -9.61 -20.08
N VAL A 423 4.22 -10.24 -21.22
CA VAL A 423 4.43 -11.68 -21.35
C VAL A 423 5.90 -11.98 -21.18
N HIS A 424 6.74 -11.21 -21.87
CA HIS A 424 8.18 -11.41 -21.83
C HIS A 424 8.72 -11.25 -20.41
N ILE A 425 8.27 -10.20 -19.73
CA ILE A 425 8.68 -9.95 -18.34
C ILE A 425 8.30 -11.12 -17.45
N TYR A 426 7.08 -11.63 -17.62
CA TYR A 426 6.61 -12.77 -16.84
C TYR A 426 7.47 -14.00 -17.10
N ARG A 427 7.92 -14.17 -18.34
CA ARG A 427 8.73 -15.33 -18.71
C ARG A 427 10.12 -15.23 -18.12
N GLN A 428 10.69 -14.03 -18.14
CA GLN A 428 11.98 -13.79 -17.50
C GLN A 428 11.86 -14.03 -16.00
N ALA A 429 10.71 -13.68 -15.44
CA ALA A 429 10.48 -13.83 -14.02
C ALA A 429 10.36 -15.29 -13.63
N PHE A 430 9.94 -16.14 -14.56
CA PHE A 430 9.80 -17.56 -14.27
C PHE A 430 11.17 -18.23 -14.18
N LYS A 431 12.05 -17.89 -15.12
CA LYS A 431 13.43 -18.34 -15.07
C LYS A 431 14.06 -17.84 -13.78
N GLY A 432 13.86 -16.56 -13.51
CA GLY A 432 14.39 -15.93 -12.32
C GLY A 432 15.61 -15.09 -12.62
N VAL A 433 16.33 -14.72 -11.57
CA VAL A 433 17.54 -13.92 -11.71
C VAL A 433 18.18 -13.68 -10.34
#